data_1MSA
#
_entry.id   1MSA
#
_cell.length_a   138.820
_cell.length_b   64.110
_cell.length_c   62.080
_cell.angle_alpha   90.00
_cell.angle_beta   90.00
_cell.angle_gamma   90.00
#
_symmetry.space_group_name_H-M   'P 21 21 21'
#
loop_
_entity.id
_entity.type
_entity.pdbx_description
1 polymer AGGLUTININ
2 non-polymer 'methyl alpha-D-mannopyranoside'
3 water water
#
_entity_poly.entity_id   1
_entity_poly.type   'polypeptide(L)'
_entity_poly.pdbx_seq_one_letter_code
;DNILYSGETLSTGEFLNYGSFVFIMQEDCNLVLYDVDKPIWATNTGGLSRSCFLSMQTDGNLVVYNPSNKPIWASNTGGQ
NGNYVCILQKDRNVVIYGTDRWATGTHTG
;
_entity_poly.pdbx_strand_id   A,B,C,D
#
# COMPACT_ATOMS: atom_id res chain seq x y z
N ASP A 1 -5.91 -2.83 -4.78
CA ASP A 1 -6.36 -1.51 -4.23
C ASP A 1 -7.51 -1.70 -3.24
N ASN A 2 -7.87 -0.65 -2.51
CA ASN A 2 -8.95 -0.74 -1.53
C ASN A 2 -10.16 0.08 -1.97
N ILE A 3 -10.06 0.74 -3.11
CA ILE A 3 -11.13 1.57 -3.63
C ILE A 3 -11.56 1.15 -5.04
N LEU A 4 -12.87 1.12 -5.23
CA LEU A 4 -13.46 0.82 -6.54
C LEU A 4 -14.27 2.05 -6.94
N TYR A 5 -13.79 2.79 -7.93
CA TYR A 5 -14.44 4.01 -8.37
C TYR A 5 -15.62 3.77 -9.29
N SER A 6 -16.62 4.65 -9.20
CA SER A 6 -17.79 4.52 -10.08
C SER A 6 -17.27 4.52 -11.52
N GLY A 7 -17.78 3.60 -12.33
CA GLY A 7 -17.33 3.47 -13.71
C GLY A 7 -16.36 2.30 -13.85
N GLU A 8 -15.90 1.78 -12.71
CA GLU A 8 -14.96 0.68 -12.70
C GLU A 8 -15.59 -0.68 -12.45
N THR A 9 -14.92 -1.71 -12.96
CA THR A 9 -15.39 -3.08 -12.87
C THR A 9 -14.32 -4.02 -12.33
N LEU A 10 -14.74 -5.01 -11.55
CA LEU A 10 -13.84 -6.03 -11.04
C LEU A 10 -14.21 -7.35 -11.77
N SER A 11 -13.34 -7.85 -12.62
CA SER A 11 -13.63 -9.10 -13.32
C SER A 11 -13.52 -10.27 -12.33
N THR A 12 -13.95 -11.45 -12.77
CA THR A 12 -13.85 -12.63 -11.91
C THR A 12 -12.41 -12.84 -11.47
N GLY A 13 -12.24 -13.12 -10.18
CA GLY A 13 -10.93 -13.35 -9.61
C GLY A 13 -10.25 -12.05 -9.18
N GLU A 14 -10.83 -10.91 -9.52
CA GLU A 14 -10.26 -9.62 -9.15
C GLU A 14 -10.85 -9.18 -7.81
N PHE A 15 -10.10 -8.38 -7.06
CA PHE A 15 -10.56 -8.03 -5.72
C PHE A 15 -10.04 -6.70 -5.20
N LEU A 16 -10.65 -6.29 -4.08
CA LEU A 16 -10.20 -5.12 -3.34
C LEU A 16 -9.48 -5.74 -2.11
N ASN A 17 -8.42 -5.11 -1.64
CA ASN A 17 -7.71 -5.67 -0.49
C ASN A 17 -7.21 -4.58 0.45
N TYR A 18 -7.06 -4.95 1.71
CA TYR A 18 -6.54 -4.11 2.75
C TYR A 18 -6.19 -5.01 3.96
N GLY A 19 -4.91 -5.08 4.25
CA GLY A 19 -4.45 -5.94 5.34
C GLY A 19 -4.82 -7.40 5.06
N SER A 20 -5.54 -8.00 6.00
CA SER A 20 -5.96 -9.39 5.86
C SER A 20 -7.36 -9.49 5.26
N PHE A 21 -7.92 -8.36 4.86
CA PHE A 21 -9.26 -8.32 4.28
C PHE A 21 -9.19 -8.38 2.75
N VAL A 22 -9.98 -9.24 2.16
CA VAL A 22 -10.05 -9.37 0.72
C VAL A 22 -11.54 -9.40 0.30
N PHE A 23 -11.87 -8.50 -0.61
CA PHE A 23 -13.26 -8.42 -1.13
C PHE A 23 -13.17 -8.92 -2.57
N ILE A 24 -13.51 -10.18 -2.81
CA ILE A 24 -13.31 -10.77 -4.11
C ILE A 24 -14.53 -11.21 -4.88
N MET A 25 -14.47 -10.96 -6.20
CA MET A 25 -15.51 -11.39 -7.13
C MET A 25 -15.05 -12.76 -7.66
N GLN A 26 -15.46 -13.83 -6.98
CA GLN A 26 -15.07 -15.17 -7.33
C GLN A 26 -15.59 -15.67 -8.66
N GLU A 27 -15.02 -16.79 -9.13
CA GLU A 27 -15.39 -17.41 -10.38
C GLU A 27 -16.76 -18.08 -10.35
N ASP A 28 -17.24 -18.43 -9.17
CA ASP A 28 -18.54 -19.06 -9.01
C ASP A 28 -19.67 -18.06 -8.87
N CYS A 29 -19.39 -16.78 -9.05
CA CYS A 29 -20.32 -15.70 -8.98
C CYS A 29 -20.69 -15.26 -7.57
N ASN A 30 -19.93 -15.72 -6.59
CA ASN A 30 -20.17 -15.31 -5.20
C ASN A 30 -19.21 -14.15 -4.89
N LEU A 31 -19.74 -13.07 -4.36
CA LEU A 31 -18.91 -11.90 -4.00
C LEU A 31 -18.71 -12.00 -2.48
N VAL A 32 -17.50 -12.43 -2.08
CA VAL A 32 -17.22 -12.66 -0.68
C VAL A 32 -16.19 -11.72 -0.07
N LEU A 33 -16.44 -11.41 1.21
CA LEU A 33 -15.55 -10.59 2.01
C LEU A 33 -14.86 -11.55 3.02
N TYR A 34 -13.56 -11.73 2.86
CA TYR A 34 -12.81 -12.61 3.72
C TYR A 34 -11.91 -11.83 4.68
N ASP A 35 -11.79 -12.37 5.89
CA ASP A 35 -10.83 -11.87 6.87
C ASP A 35 -9.84 -13.06 7.02
N VAL A 36 -8.76 -12.99 6.28
CA VAL A 36 -7.80 -14.07 6.15
C VAL A 36 -8.50 -15.19 5.37
N ASP A 37 -8.73 -16.33 5.97
CA ASP A 37 -9.39 -17.45 5.30
C ASP A 37 -10.85 -17.57 5.71
N LYS A 38 -11.34 -16.62 6.51
CA LYS A 38 -12.70 -16.66 6.99
C LYS A 38 -13.64 -15.68 6.30
N PRO A 39 -14.68 -16.23 5.67
CA PRO A 39 -15.70 -15.43 5.01
C PRO A 39 -16.54 -14.68 6.03
N ILE A 40 -16.51 -13.36 5.96
CA ILE A 40 -17.24 -12.50 6.89
C ILE A 40 -18.59 -12.08 6.32
N TRP A 41 -18.68 -12.03 5.00
CA TRP A 41 -19.91 -11.61 4.33
C TRP A 41 -19.90 -12.11 2.90
N ALA A 42 -21.07 -12.38 2.33
CA ALA A 42 -21.17 -12.84 0.95
C ALA A 42 -22.52 -12.44 0.37
N THR A 43 -22.60 -12.30 -0.95
CA THR A 43 -23.87 -11.98 -1.60
C THR A 43 -24.72 -13.25 -1.71
N ASN A 44 -24.07 -14.40 -1.55
CA ASN A 44 -24.66 -15.71 -1.59
C ASN A 44 -25.19 -16.09 -2.96
N THR A 45 -24.47 -15.71 -4.00
CA THR A 45 -24.86 -16.02 -5.37
C THR A 45 -23.98 -17.09 -5.98
N GLY A 46 -23.28 -17.85 -5.14
CA GLY A 46 -22.39 -18.90 -5.61
C GLY A 46 -23.13 -19.96 -6.40
N GLY A 47 -22.65 -20.27 -7.59
CA GLY A 47 -23.25 -21.29 -8.44
C GLY A 47 -24.36 -20.80 -9.33
N LEU A 48 -24.75 -19.53 -9.25
CA LEU A 48 -25.80 -18.99 -10.09
C LEU A 48 -25.33 -18.74 -11.51
N SER A 49 -24.03 -18.81 -11.72
CA SER A 49 -23.44 -18.59 -13.04
C SER A 49 -21.93 -18.77 -12.94
N ARG A 50 -21.19 -18.26 -13.91
CA ARG A 50 -19.74 -18.36 -13.93
C ARG A 50 -19.16 -17.09 -14.57
N SER A 51 -17.96 -16.72 -14.16
CA SER A 51 -17.28 -15.57 -14.72
C SER A 51 -18.06 -14.28 -14.63
N CYS A 52 -18.66 -14.03 -13.47
CA CYS A 52 -19.41 -12.82 -13.23
C CYS A 52 -18.44 -11.64 -13.06
N PHE A 53 -18.98 -10.42 -13.12
CA PHE A 53 -18.18 -9.23 -12.91
C PHE A 53 -18.91 -8.29 -11.95
N LEU A 54 -18.13 -7.50 -11.21
CA LEU A 54 -18.69 -6.55 -10.25
C LEU A 54 -18.55 -5.14 -10.79
N SER A 55 -19.65 -4.41 -10.83
CA SER A 55 -19.62 -3.05 -11.37
C SER A 55 -20.08 -1.97 -10.41
N MET A 56 -19.21 -0.99 -10.18
CA MET A 56 -19.59 0.17 -9.36
C MET A 56 -20.07 1.24 -10.36
N GLN A 57 -21.38 1.40 -10.48
CA GLN A 57 -21.95 2.31 -11.47
C GLN A 57 -21.97 3.77 -11.09
N THR A 58 -22.19 4.61 -12.11
CA THR A 58 -22.25 6.05 -11.93
C THR A 58 -23.58 6.50 -11.33
N ASP A 59 -24.54 5.59 -11.26
CA ASP A 59 -25.84 5.87 -10.67
C ASP A 59 -25.85 5.47 -9.20
N GLY A 60 -24.70 5.05 -8.67
CA GLY A 60 -24.56 4.67 -7.29
C GLY A 60 -24.87 3.22 -6.98
N ASN A 61 -25.25 2.44 -7.99
CA ASN A 61 -25.57 1.04 -7.81
C ASN A 61 -24.35 0.13 -7.94
N LEU A 62 -24.21 -0.78 -6.98
CA LEU A 62 -23.11 -1.76 -7.02
C LEU A 62 -23.73 -3.07 -7.51
N VAL A 63 -23.40 -3.50 -8.72
CA VAL A 63 -24.03 -4.66 -9.31
C VAL A 63 -23.13 -5.80 -9.71
N VAL A 64 -23.60 -7.03 -9.48
CA VAL A 64 -22.90 -8.24 -9.91
C VAL A 64 -23.58 -8.72 -11.21
N TYR A 65 -22.85 -8.72 -12.31
CA TYR A 65 -23.42 -9.16 -13.58
C TYR A 65 -22.88 -10.52 -14.04
N ASN A 66 -23.71 -11.22 -14.81
CA ASN A 66 -23.24 -12.50 -15.39
C ASN A 66 -22.68 -12.19 -16.77
N PRO A 67 -22.06 -13.15 -17.42
CA PRO A 67 -21.48 -12.98 -18.73
C PRO A 67 -22.42 -12.41 -19.77
N SER A 68 -23.71 -12.71 -19.66
CA SER A 68 -24.72 -12.23 -20.58
C SER A 68 -25.24 -10.85 -20.22
N ASN A 69 -24.69 -10.25 -19.17
CA ASN A 69 -25.07 -8.93 -18.71
C ASN A 69 -26.36 -8.88 -17.93
N LYS A 70 -26.76 -9.99 -17.34
CA LYS A 70 -27.97 -10.04 -16.51
C LYS A 70 -27.54 -9.85 -15.05
N PRO A 71 -28.20 -8.92 -14.36
CA PRO A 71 -27.90 -8.65 -12.97
C PRO A 71 -28.23 -9.87 -12.11
N ILE A 72 -27.33 -10.22 -11.21
CA ILE A 72 -27.53 -11.40 -10.36
C ILE A 72 -27.60 -10.96 -8.90
N TRP A 73 -27.21 -9.72 -8.66
CA TRP A 73 -27.23 -9.12 -7.34
C TRP A 73 -26.91 -7.62 -7.47
N ALA A 74 -27.44 -6.83 -6.55
CA ALA A 74 -27.15 -5.40 -6.54
C ALA A 74 -27.39 -4.85 -5.14
N SER A 75 -26.70 -3.76 -4.81
CA SER A 75 -26.86 -3.13 -3.50
C SER A 75 -28.24 -2.45 -3.44
N ASN A 76 -28.78 -2.16 -4.62
CA ASN A 76 -30.08 -1.54 -4.77
C ASN A 76 -30.03 -0.09 -4.26
N THR A 77 -28.94 0.60 -4.61
CA THR A 77 -28.72 1.98 -4.20
C THR A 77 -28.61 2.89 -5.42
N GLY A 78 -29.18 2.43 -6.53
CA GLY A 78 -29.19 3.23 -7.76
C GLY A 78 -29.95 4.53 -7.46
N GLY A 79 -29.39 5.64 -7.92
CA GLY A 79 -30.02 6.94 -7.70
C GLY A 79 -29.47 7.98 -8.67
N GLN A 80 -29.06 9.10 -8.11
CA GLN A 80 -28.53 10.21 -8.90
C GLN A 80 -27.21 9.86 -9.56
N ASN A 81 -27.10 10.17 -10.86
CA ASN A 81 -25.86 9.94 -11.58
C ASN A 81 -24.78 10.89 -11.04
N GLY A 82 -23.62 10.33 -10.69
CA GLY A 82 -22.55 11.14 -10.15
C GLY A 82 -21.27 10.32 -9.98
N ASN A 83 -20.43 10.77 -9.06
CA ASN A 83 -19.16 10.08 -8.79
C ASN A 83 -19.27 9.40 -7.42
N TYR A 84 -19.11 8.08 -7.41
CA TYR A 84 -19.21 7.28 -6.20
C TYR A 84 -17.94 6.44 -6.03
N VAL A 85 -17.73 5.92 -4.83
CA VAL A 85 -16.60 5.07 -4.54
C VAL A 85 -17.05 3.94 -3.59
N CYS A 86 -16.59 2.75 -3.90
CA CYS A 86 -16.86 1.60 -3.01
C CYS A 86 -15.53 1.33 -2.29
N ILE A 87 -15.51 1.49 -0.98
CA ILE A 87 -14.27 1.36 -0.24
C ILE A 87 -14.19 0.20 0.72
N LEU A 88 -13.11 -0.58 0.61
CA LEU A 88 -12.86 -1.65 1.61
C LEU A 88 -12.04 -0.94 2.72
N GLN A 89 -12.74 -0.53 3.77
CA GLN A 89 -12.17 0.26 4.84
C GLN A 89 -11.24 -0.48 5.77
N LYS A 90 -10.52 0.32 6.58
CA LYS A 90 -9.59 -0.23 7.55
C LYS A 90 -10.31 -0.84 8.74
N ASP A 91 -11.58 -0.48 8.94
CA ASP A 91 -12.37 -1.04 10.02
C ASP A 91 -13.09 -2.32 9.61
N ARG A 92 -12.82 -2.81 8.40
CA ARG A 92 -13.37 -4.01 7.85
C ARG A 92 -14.75 -3.86 7.24
N ASN A 93 -15.24 -2.64 7.12
CA ASN A 93 -16.54 -2.39 6.51
C ASN A 93 -16.36 -2.07 5.03
N VAL A 94 -17.31 -2.53 4.21
CA VAL A 94 -17.29 -2.19 2.78
C VAL A 94 -18.45 -1.19 2.60
N VAL A 95 -18.11 0.05 2.24
CA VAL A 95 -19.09 1.11 2.17
C VAL A 95 -19.06 1.86 0.84
N ILE A 96 -20.26 2.29 0.42
CA ILE A 96 -20.39 3.11 -0.79
C ILE A 96 -20.66 4.55 -0.35
N TYR A 97 -19.86 5.49 -0.84
CA TYR A 97 -20.02 6.89 -0.51
C TYR A 97 -20.28 7.69 -1.80
N GLY A 98 -21.06 8.75 -1.69
CA GLY A 98 -21.34 9.59 -2.85
C GLY A 98 -22.54 10.51 -2.59
N THR A 99 -22.67 11.55 -3.39
CA THR A 99 -21.72 11.80 -4.48
C THR A 99 -20.55 12.64 -3.98
N ASP A 100 -19.71 13.12 -4.89
CA ASP A 100 -18.57 13.95 -4.47
C ASP A 100 -19.06 15.34 -4.08
N ARG A 101 -18.62 15.84 -2.94
CA ARG A 101 -19.06 17.12 -2.43
C ARG A 101 -18.10 18.26 -2.74
N TRP A 102 -16.83 17.94 -2.85
CA TRP A 102 -15.78 18.94 -3.07
C TRP A 102 -14.56 18.27 -3.69
N ALA A 103 -13.76 19.04 -4.42
CA ALA A 103 -12.55 18.49 -5.03
C ALA A 103 -11.53 19.60 -5.26
N THR A 104 -10.25 19.25 -5.33
CA THR A 104 -9.21 20.23 -5.61
C THR A 104 -9.10 20.47 -7.12
N GLY A 105 -9.66 19.57 -7.90
CA GLY A 105 -9.61 19.66 -9.36
C GLY A 105 -8.18 19.56 -9.85
N THR A 106 -7.47 18.54 -9.35
CA THR A 106 -6.07 18.34 -9.69
C THR A 106 -5.85 16.99 -10.37
N HIS A 107 -6.89 16.50 -11.03
CA HIS A 107 -6.87 15.23 -11.71
C HIS A 107 -6.30 15.33 -13.12
N THR A 108 -5.73 14.23 -13.59
CA THR A 108 -5.16 14.15 -14.94
C THR A 108 -5.98 13.20 -15.80
N GLY A 109 -5.35 12.58 -16.78
CA GLY A 109 -5.94 11.61 -17.65
C GLY A 109 -7.20 11.97 -18.38
N ASP B 1 2.10 -4.62 6.09
CA ASP B 1 3.37 -4.54 5.31
C ASP B 1 3.73 -5.91 4.76
N ASN B 2 4.54 -5.96 3.70
CA ASN B 2 4.94 -7.24 3.11
C ASN B 2 6.39 -7.57 3.40
N ILE B 3 7.02 -6.78 4.27
CA ILE B 3 8.42 -6.98 4.60
C ILE B 3 8.64 -7.12 6.11
N LEU B 4 9.46 -8.09 6.50
CA LEU B 4 9.81 -8.28 7.91
C LEU B 4 11.33 -8.10 8.03
N TYR B 5 11.73 -6.97 8.58
CA TYR B 5 13.14 -6.64 8.72
C TYR B 5 13.80 -7.40 9.87
N SER B 6 15.09 -7.69 9.70
CA SER B 6 15.81 -8.39 10.78
C SER B 6 15.74 -7.52 12.03
N GLY B 7 15.53 -8.14 13.18
CA GLY B 7 15.41 -7.39 14.43
C GLY B 7 13.96 -7.19 14.82
N GLU B 8 13.03 -7.57 13.94
CA GLU B 8 11.61 -7.44 14.21
C GLU B 8 10.93 -8.79 14.35
N THR B 9 9.74 -8.78 14.95
CA THR B 9 8.96 -9.99 15.12
C THR B 9 7.49 -9.75 14.73
N LEU B 10 6.81 -10.86 14.47
CA LEU B 10 5.39 -10.87 14.18
C LEU B 10 4.74 -11.58 15.41
N SER B 11 3.96 -10.83 16.17
CA SER B 11 3.32 -11.43 17.34
C SER B 11 2.14 -12.28 16.89
N THR B 12 1.65 -13.15 17.77
CA THR B 12 0.53 -14.03 17.40
C THR B 12 -0.60 -13.20 16.82
N GLY B 13 -1.04 -13.58 15.62
CA GLY B 13 -2.12 -12.86 14.94
C GLY B 13 -1.61 -11.84 13.94
N GLU B 14 -0.32 -11.50 14.01
CA GLU B 14 0.24 -10.53 13.07
C GLU B 14 0.66 -11.25 11.79
N PHE B 15 0.72 -10.50 10.69
CA PHE B 15 1.03 -11.10 9.41
C PHE B 15 1.69 -10.14 8.43
N LEU B 16 2.15 -10.72 7.32
CA LEU B 16 2.68 -9.95 6.20
C LEU B 16 1.56 -10.03 5.13
N ASN B 17 1.39 -8.99 4.33
CA ASN B 17 0.33 -9.05 3.33
C ASN B 17 0.75 -8.43 2.01
N TYR B 18 0.10 -8.87 0.95
CA TYR B 18 0.31 -8.38 -0.39
C TYR B 18 -0.80 -8.89 -1.30
N GLY B 19 -1.57 -7.96 -1.86
CA GLY B 19 -2.70 -8.38 -2.73
C GLY B 19 -3.55 -9.36 -1.92
N SER B 20 -3.81 -10.52 -2.50
CA SER B 20 -4.61 -11.54 -1.81
C SER B 20 -3.74 -12.52 -1.03
N PHE B 21 -2.46 -12.21 -0.81
CA PHE B 21 -1.57 -13.10 -0.09
C PHE B 21 -1.37 -12.65 1.36
N VAL B 22 -1.53 -13.58 2.29
CA VAL B 22 -1.37 -13.32 3.71
C VAL B 22 -0.48 -14.40 4.35
N PHE B 23 0.60 -13.95 4.97
CA PHE B 23 1.55 -14.83 5.67
C PHE B 23 1.37 -14.50 7.16
N ILE B 24 0.57 -15.30 7.85
CA ILE B 24 0.23 -15.02 9.23
C ILE B 24 0.73 -15.98 10.29
N MET B 25 1.21 -15.40 11.39
CA MET B 25 1.69 -16.17 12.55
C MET B 25 0.47 -16.43 13.44
N GLN B 26 -0.24 -17.51 13.15
CA GLN B 26 -1.46 -17.88 13.83
C GLN B 26 -1.32 -18.11 15.32
N GLU B 27 -2.47 -18.12 15.99
CA GLU B 27 -2.57 -18.32 17.43
C GLU B 27 -2.21 -19.73 17.84
N ASP B 28 -2.47 -20.70 16.97
CA ASP B 28 -2.19 -22.10 17.21
C ASP B 28 -0.75 -22.49 16.91
N CYS B 29 0.08 -21.53 16.57
CA CYS B 29 1.47 -21.70 16.27
C CYS B 29 1.77 -22.23 14.88
N ASN B 30 0.76 -22.23 14.01
CA ASN B 30 0.98 -22.64 12.62
C ASN B 30 1.26 -21.36 11.82
N LEU B 31 2.37 -21.35 11.08
CA LEU B 31 2.72 -20.19 10.25
C LEU B 31 2.27 -20.56 8.82
N VAL B 32 1.19 -19.92 8.38
CA VAL B 32 0.60 -20.24 7.11
C VAL B 32 0.62 -19.11 6.10
N LEU B 33 0.77 -19.50 4.84
CA LEU B 33 0.73 -18.58 3.71
C LEU B 33 -0.60 -18.84 2.97
N TYR B 34 -1.49 -17.86 3.01
CA TYR B 34 -2.78 -18.01 2.36
C TYR B 34 -2.86 -17.22 1.04
N ASP B 35 -3.60 -17.80 0.11
CA ASP B 35 -3.91 -17.13 -1.16
C ASP B 35 -5.46 -17.03 -1.11
N VAL B 36 -5.93 -15.91 -0.58
CA VAL B 36 -7.35 -15.71 -0.30
C VAL B 36 -7.68 -16.64 0.88
N ASP B 37 -8.44 -17.69 0.67
CA ASP B 37 -8.79 -18.60 1.77
C ASP B 37 -8.12 -19.96 1.58
N LYS B 38 -7.21 -20.04 0.62
CA LYS B 38 -6.52 -21.28 0.31
C LYS B 38 -5.10 -21.33 0.86
N PRO B 39 -4.87 -22.27 1.76
CA PRO B 39 -3.57 -22.48 2.37
C PRO B 39 -2.60 -23.05 1.34
N ILE B 40 -1.55 -22.32 1.04
CA ILE B 40 -0.58 -22.69 0.03
C ILE B 40 0.66 -23.34 0.62
N TRP B 41 1.06 -22.87 1.78
CA TRP B 41 2.27 -23.34 2.45
C TRP B 41 2.10 -23.13 3.96
N ALA B 42 2.69 -24.00 4.75
CA ALA B 42 2.61 -23.92 6.20
C ALA B 42 3.78 -24.67 6.82
N THR B 43 4.14 -24.30 8.04
CA THR B 43 5.23 -24.97 8.75
C THR B 43 4.72 -26.26 9.38
N ASN B 44 3.40 -26.41 9.43
CA ASN B 44 2.74 -27.57 9.99
C ASN B 44 3.09 -27.78 11.46
N THR B 45 3.09 -26.69 12.23
CA THR B 45 3.41 -26.77 13.65
C THR B 45 2.20 -26.37 14.49
N GLY B 46 1.04 -26.33 13.84
CA GLY B 46 -0.19 -25.96 14.52
C GLY B 46 -0.55 -27.01 15.56
N GLY B 47 -0.87 -26.56 16.78
CA GLY B 47 -1.22 -27.45 17.86
C GLY B 47 -0.02 -27.78 18.74
N LEU B 48 1.17 -27.30 18.34
CA LEU B 48 2.38 -27.55 19.09
C LEU B 48 2.61 -26.52 20.18
N SER B 49 1.71 -25.57 20.31
CA SER B 49 1.79 -24.52 21.32
C SER B 49 0.71 -23.48 21.06
N ARG B 50 0.68 -22.44 21.86
CA ARG B 50 -0.29 -21.36 21.69
C ARG B 50 0.39 -20.01 21.88
N SER B 51 0.08 -19.05 21.02
CA SER B 51 0.64 -17.72 21.11
C SER B 51 2.12 -17.67 20.79
N CYS B 52 2.50 -18.25 19.65
CA CYS B 52 3.88 -18.22 19.20
C CYS B 52 4.14 -16.85 18.53
N PHE B 53 5.40 -16.58 18.26
CA PHE B 53 5.77 -15.34 17.57
C PHE B 53 6.82 -15.67 16.52
N LEU B 54 6.83 -14.91 15.44
CA LEU B 54 7.80 -15.12 14.36
C LEU B 54 8.93 -14.12 14.54
N SER B 55 10.17 -14.57 14.40
CA SER B 55 11.32 -13.71 14.58
C SER B 55 12.27 -13.75 13.39
N MET B 56 12.53 -12.57 12.83
CA MET B 56 13.49 -12.45 11.72
C MET B 56 14.79 -11.97 12.39
N GLN B 57 15.73 -12.88 12.58
CA GLN B 57 16.94 -12.55 13.29
C GLN B 57 18.06 -11.91 12.49
N THR B 58 18.97 -11.27 13.23
CA THR B 58 20.12 -10.58 12.68
C THR B 58 21.23 -11.53 12.25
N ASP B 59 21.05 -12.82 12.47
CA ASP B 59 22.00 -13.83 12.02
C ASP B 59 21.47 -14.44 10.72
N GLY B 60 20.27 -14.00 10.33
CA GLY B 60 19.65 -14.45 9.10
C GLY B 60 18.69 -15.61 9.27
N ASN B 61 18.44 -16.05 10.50
CA ASN B 61 17.55 -17.17 10.76
C ASN B 61 16.11 -16.72 11.00
N LEU B 62 15.17 -17.41 10.38
CA LEU B 62 13.75 -17.12 10.58
C LEU B 62 13.17 -18.21 11.50
N VAL B 63 12.89 -17.83 12.75
CA VAL B 63 12.46 -18.74 13.77
C VAL B 63 11.08 -18.50 14.35
N VAL B 64 10.31 -19.57 14.51
CA VAL B 64 9.01 -19.50 15.18
C VAL B 64 9.27 -19.95 16.64
N TYR B 65 9.05 -19.04 17.58
CA TYR B 65 9.28 -19.32 18.98
C TYR B 65 7.97 -19.45 19.78
N ASN B 66 8.01 -20.32 20.79
CA ASN B 66 6.84 -20.41 21.68
C ASN B 66 7.07 -19.35 22.76
N PRO B 67 6.10 -19.11 23.62
CA PRO B 67 6.19 -18.12 24.67
C PRO B 67 7.33 -18.33 25.65
N SER B 68 7.82 -19.56 25.77
CA SER B 68 8.94 -19.90 26.64
C SER B 68 10.27 -19.68 25.90
N ASN B 69 10.19 -19.16 24.69
CA ASN B 69 11.32 -18.86 23.85
C ASN B 69 11.98 -20.11 23.27
N LYS B 70 11.17 -21.12 22.97
CA LYS B 70 11.68 -22.34 22.37
C LYS B 70 11.37 -22.37 20.87
N PRO B 71 12.37 -22.72 20.07
CA PRO B 71 12.23 -22.79 18.64
C PRO B 71 11.30 -23.92 18.21
N ILE B 72 10.14 -23.55 17.71
CA ILE B 72 9.14 -24.51 17.23
C ILE B 72 9.44 -24.83 15.77
N TRP B 73 10.06 -23.87 15.09
CA TRP B 73 10.41 -23.99 13.68
C TRP B 73 11.48 -22.97 13.32
N ALA B 74 12.29 -23.29 12.32
CA ALA B 74 13.34 -22.39 11.84
C ALA B 74 13.62 -22.68 10.36
N SER B 75 14.11 -21.67 9.66
CA SER B 75 14.47 -21.84 8.25
C SER B 75 15.87 -22.43 8.14
N ASN B 76 16.58 -22.44 9.27
CA ASN B 76 17.93 -22.97 9.37
C ASN B 76 18.93 -22.19 8.53
N THR B 77 18.72 -20.88 8.43
CA THR B 77 19.58 -20.03 7.62
C THR B 77 20.44 -19.11 8.48
N GLY B 78 20.57 -19.45 9.77
CA GLY B 78 21.40 -18.66 10.68
C GLY B 78 22.85 -18.64 10.17
N GLY B 79 23.65 -17.72 10.69
CA GLY B 79 25.04 -17.59 10.30
C GLY B 79 25.57 -16.17 10.41
N GLN B 80 25.95 -15.60 9.27
CA GLN B 80 26.50 -14.26 9.22
C GLN B 80 25.58 -13.24 9.88
N ASN B 81 26.12 -12.53 10.87
CA ASN B 81 25.34 -11.50 11.56
C ASN B 81 25.28 -10.26 10.66
N GLY B 82 24.09 -9.68 10.52
CA GLY B 82 23.93 -8.50 9.69
C GLY B 82 22.48 -8.09 9.51
N ASN B 83 22.20 -7.44 8.38
CA ASN B 83 20.86 -6.98 8.07
C ASN B 83 20.23 -7.86 6.99
N TYR B 84 19.09 -8.45 7.34
CA TYR B 84 18.35 -9.32 6.46
C TYR B 84 16.89 -8.86 6.37
N VAL B 85 16.19 -9.30 5.33
CA VAL B 85 14.79 -9.01 5.16
C VAL B 85 14.01 -10.26 4.72
N CYS B 86 12.84 -10.44 5.28
CA CYS B 86 11.95 -11.53 4.87
C CYS B 86 10.78 -10.85 4.13
N ILE B 87 10.62 -11.17 2.84
CA ILE B 87 9.63 -10.52 2.02
C ILE B 87 8.55 -11.43 1.46
N LEU B 88 7.30 -10.99 1.60
CA LEU B 88 6.19 -11.72 0.94
C LEU B 88 6.04 -11.01 -0.42
N GLN B 89 6.62 -11.60 -1.46
CA GLN B 89 6.70 -11.00 -2.77
C GLN B 89 5.42 -10.96 -3.56
N LYS B 90 5.45 -10.15 -4.64
CA LYS B 90 4.29 -10.02 -5.52
C LYS B 90 4.05 -11.28 -6.33
N ASP B 91 5.04 -12.15 -6.47
CA ASP B 91 4.92 -13.40 -7.18
C ASP B 91 4.50 -14.55 -6.27
N ARG B 92 4.10 -14.27 -5.05
CA ARG B 92 3.64 -15.21 -4.08
C ARG B 92 4.74 -15.96 -3.35
N ASN B 93 5.99 -15.68 -3.65
CA ASN B 93 7.10 -16.37 -2.98
C ASN B 93 7.46 -15.60 -1.71
N VAL B 94 7.80 -16.33 -0.65
CA VAL B 94 8.26 -15.68 0.59
C VAL B 94 9.76 -15.96 0.68
N VAL B 95 10.58 -14.95 0.44
CA VAL B 95 12.02 -15.10 0.40
C VAL B 95 12.78 -14.30 1.46
N ILE B 96 13.91 -14.86 1.91
CA ILE B 96 14.81 -14.18 2.83
C ILE B 96 16.04 -13.72 2.04
N TYR B 97 16.37 -12.44 2.12
CA TYR B 97 17.51 -11.88 1.41
C TYR B 97 18.49 -11.22 2.40
N GLY B 98 19.77 -11.29 2.10
CA GLY B 98 20.77 -10.65 2.97
C GLY B 98 22.17 -11.13 2.65
N THR B 99 23.17 -10.41 3.14
CA THR B 99 22.95 -9.21 3.93
C THR B 99 22.86 -7.97 3.03
N ASP B 100 22.84 -6.80 3.66
CA ASP B 100 22.78 -5.55 2.90
C ASP B 100 24.08 -5.37 2.13
N ARG B 101 23.99 -5.00 0.85
CA ARG B 101 25.16 -4.84 0.02
C ARG B 101 25.52 -3.38 -0.20
N TRP B 102 24.52 -2.52 -0.17
CA TRP B 102 24.71 -1.09 -0.39
C TRP B 102 23.51 -0.33 0.18
N ALA B 103 23.73 0.92 0.55
CA ALA B 103 22.66 1.73 1.12
C ALA B 103 22.95 3.21 0.89
N THR B 104 21.90 4.00 0.72
CA THR B 104 22.09 5.45 0.53
C THR B 104 22.61 6.04 1.83
N GLY B 105 22.16 5.49 2.96
CA GLY B 105 22.60 5.94 4.28
C GLY B 105 21.75 7.12 4.76
N THR B 106 20.50 7.14 4.34
CA THR B 106 19.57 8.20 4.66
C THR B 106 18.50 7.78 5.66
N HIS B 107 18.77 6.75 6.44
CA HIS B 107 17.81 6.27 7.42
C HIS B 107 17.61 7.29 8.54
N THR B 108 16.42 7.31 9.11
CA THR B 108 16.09 8.23 10.20
C THR B 108 16.11 7.47 11.52
N GLY B 109 15.72 8.14 12.60
CA GLY B 109 15.68 7.52 13.91
C GLY B 109 14.46 7.99 14.72
N ASP C 1 5.11 0.98 -5.41
CA ASP C 1 5.80 -0.09 -4.64
C ASP C 1 7.13 0.42 -4.09
N ASN C 2 7.63 -0.25 -3.05
CA ASN C 2 8.90 0.16 -2.45
C ASN C 2 9.99 -0.87 -2.69
N ILE C 3 9.76 -1.82 -3.59
CA ILE C 3 10.75 -2.85 -3.87
C ILE C 3 11.05 -2.94 -5.37
N LEU C 4 12.34 -2.99 -5.69
CA LEU C 4 12.77 -3.15 -7.08
C LEU C 4 13.55 -4.48 -7.14
N TYR C 5 12.96 -5.47 -7.78
CA TYR C 5 13.55 -6.80 -7.84
C TYR C 5 14.62 -6.91 -8.91
N SER C 6 15.59 -7.80 -8.69
CA SER C 6 16.63 -7.99 -9.73
C SER C 6 15.92 -8.42 -11.02
N GLY C 7 16.37 -7.88 -12.14
CA GLY C 7 15.75 -8.18 -13.43
C GLY C 7 14.73 -7.12 -13.82
N GLU C 8 14.43 -6.21 -12.90
CA GLU C 8 13.47 -5.15 -13.15
C GLU C 8 14.15 -3.82 -13.43
N THR C 9 13.37 -2.92 -14.03
CA THR C 9 13.85 -1.60 -14.42
C THR C 9 12.83 -0.52 -14.09
N LEU C 10 13.33 0.63 -13.68
CA LEU C 10 12.48 1.80 -13.43
C LEU C 10 12.73 2.74 -14.63
N SER C 11 11.71 3.02 -15.39
CA SER C 11 11.88 3.92 -16.54
C SER C 11 11.85 5.37 -16.06
N THR C 12 12.36 6.27 -16.88
CA THR C 12 12.35 7.69 -16.53
C THR C 12 10.96 8.10 -16.08
N GLY C 13 10.86 8.77 -14.94
CA GLY C 13 9.58 9.20 -14.40
C GLY C 13 9.03 8.20 -13.39
N GLU C 14 9.53 6.97 -13.43
CA GLU C 14 9.08 5.93 -12.51
C GLU C 14 9.86 6.01 -11.21
N PHE C 15 9.25 5.48 -10.14
CA PHE C 15 9.86 5.58 -8.83
C PHE C 15 9.43 4.48 -7.87
N LEU C 16 10.10 4.47 -6.71
CA LEU C 16 9.73 3.59 -5.60
C LEU C 16 9.10 4.56 -4.58
N ASN C 17 8.16 4.12 -3.78
CA ASN C 17 7.56 5.04 -2.81
C ASN C 17 7.14 4.34 -1.53
N TYR C 18 7.21 5.09 -0.44
CA TYR C 18 6.79 4.64 0.86
C TYR C 18 6.42 5.89 1.69
N GLY C 19 5.13 6.03 2.00
CA GLY C 19 4.70 7.22 2.74
C GLY C 19 5.11 8.47 1.96
N SER C 20 5.82 9.38 2.62
CA SER C 20 6.28 10.59 1.97
C SER C 20 7.63 10.44 1.29
N PHE C 21 8.13 9.21 1.18
CA PHE C 21 9.43 8.95 0.56
C PHE C 21 9.26 8.51 -0.88
N VAL C 22 9.99 9.17 -1.78
CA VAL C 22 9.94 8.86 -3.21
C VAL C 22 11.34 8.74 -3.79
N PHE C 23 11.65 7.58 -4.34
CA PHE C 23 12.96 7.32 -4.97
C PHE C 23 12.68 7.27 -6.47
N ILE C 24 13.02 8.34 -7.17
CA ILE C 24 12.67 8.49 -8.58
C ILE C 24 13.80 8.60 -9.56
N MET C 25 13.58 7.98 -10.73
CA MET C 25 14.51 8.05 -11.86
C MET C 25 14.02 9.19 -12.76
N GLN C 26 14.52 10.40 -12.49
CA GLN C 26 14.12 11.59 -13.20
C GLN C 26 14.51 11.63 -14.67
N GLU C 27 13.80 12.48 -15.42
CA GLU C 27 14.04 12.65 -16.84
C GLU C 27 15.38 13.29 -17.14
N ASP C 28 15.95 14.01 -16.19
CA ASP C 28 17.26 14.64 -16.36
C ASP C 28 18.40 13.69 -16.02
N CYS C 29 18.08 12.44 -15.71
CA CYS C 29 19.03 11.41 -15.38
C CYS C 29 19.59 11.49 -13.98
N ASN C 30 18.94 12.25 -13.11
CA ASN C 30 19.38 12.33 -11.71
C ASN C 30 18.46 11.38 -10.91
N LEU C 31 19.06 10.44 -10.21
CA LEU C 31 18.30 9.50 -9.38
C LEU C 31 18.25 10.15 -7.99
N VAL C 32 17.06 10.55 -7.56
CA VAL C 32 16.91 11.29 -6.33
C VAL C 32 15.97 10.68 -5.31
N LEU C 33 16.32 10.85 -4.02
CA LEU C 33 15.45 10.44 -2.94
C LEU C 33 14.87 11.72 -2.31
N TYR C 34 13.55 11.86 -2.36
CA TYR C 34 12.87 13.03 -1.82
C TYR C 34 12.07 12.70 -0.56
N ASP C 35 12.10 13.61 0.39
CA ASP C 35 11.26 13.51 1.58
C ASP C 35 10.24 14.68 1.39
N VAL C 36 9.08 14.32 0.88
CA VAL C 36 8.09 15.32 0.48
C VAL C 36 8.73 16.10 -0.68
N ASP C 37 9.04 17.37 -0.52
CA ASP C 37 9.65 18.15 -1.60
C ASP C 37 11.14 18.35 -1.39
N LYS C 38 11.66 17.80 -0.30
CA LYS C 38 13.06 17.94 0.05
C LYS C 38 13.93 16.78 -0.42
N PRO C 39 14.86 17.08 -1.32
CA PRO C 39 15.79 16.08 -1.83
C PRO C 39 16.78 15.67 -0.74
N ILE C 40 16.77 14.41 -0.36
CA ILE C 40 17.64 13.92 0.72
C ILE C 40 18.94 13.32 0.19
N TRP C 41 18.88 12.74 -0.99
CA TRP C 41 20.05 12.10 -1.60
C TRP C 41 19.87 12.09 -3.12
N ALA C 42 20.96 12.14 -3.84
CA ALA C 42 20.93 12.10 -5.30
C ALA C 42 22.23 11.50 -5.80
N THR C 43 22.22 11.06 -7.05
CA THR C 43 23.44 10.50 -7.66
C THR C 43 24.27 11.68 -8.18
N ASN C 44 23.60 12.82 -8.37
CA ASN C 44 24.22 14.03 -8.86
C ASN C 44 24.67 13.88 -10.30
N THR C 45 23.86 13.16 -11.08
CA THR C 45 24.16 12.88 -12.48
C THR C 45 23.17 13.58 -13.39
N GLY C 46 22.41 14.51 -12.82
CA GLY C 46 21.42 15.27 -13.57
C GLY C 46 22.09 16.16 -14.62
N GLY C 47 21.63 16.07 -15.86
CA GLY C 47 22.17 16.85 -16.94
C GLY C 47 23.20 16.07 -17.74
N LEU C 48 23.59 14.91 -17.23
CA LEU C 48 24.57 14.06 -17.90
C LEU C 48 23.98 13.36 -19.12
N SER C 49 22.66 13.31 -19.20
CA SER C 49 21.97 12.68 -20.32
C SER C 49 20.47 12.90 -20.18
N ARG C 50 19.68 12.26 -21.04
CA ARG C 50 18.23 12.41 -20.98
C ARG C 50 17.55 11.04 -21.02
N SER C 51 16.41 10.93 -20.34
CA SER C 51 15.61 9.72 -20.35
C SER C 51 16.32 8.47 -19.86
N CYS C 52 17.02 8.55 -18.73
CA CYS C 52 17.71 7.38 -18.20
C CYS C 52 16.74 6.38 -17.58
N PHE C 53 17.25 5.17 -17.37
CA PHE C 53 16.47 4.12 -16.71
C PHE C 53 17.31 3.52 -15.59
N LEU C 54 16.66 3.09 -14.53
CA LEU C 54 17.37 2.48 -13.40
C LEU C 54 17.18 0.98 -13.45
N SER C 55 18.27 0.23 -13.38
CA SER C 55 18.18 -1.23 -13.46
C SER C 55 18.82 -1.94 -12.28
N MET C 56 18.03 -2.76 -11.61
CA MET C 56 18.55 -3.59 -10.50
C MET C 56 18.96 -4.92 -11.16
N GLN C 57 20.25 -5.13 -11.31
CA GLN C 57 20.74 -6.31 -12.01
C GLN C 57 20.87 -7.56 -11.18
N THR C 58 21.00 -8.70 -11.88
CA THR C 58 21.16 -10.00 -11.26
C THR C 58 22.57 -10.23 -10.75
N ASP C 59 23.49 -9.30 -11.02
CA ASP C 59 24.85 -9.38 -10.53
C ASP C 59 24.97 -8.59 -9.23
N GLY C 60 23.86 -7.99 -8.81
CA GLY C 60 23.81 -7.21 -7.59
C GLY C 60 24.07 -5.73 -7.79
N ASN C 61 24.33 -5.31 -9.01
CA ASN C 61 24.64 -3.93 -9.32
C ASN C 61 23.41 -3.13 -9.67
N LEU C 62 23.31 -1.93 -9.09
CA LEU C 62 22.19 -1.02 -9.39
C LEU C 62 22.76 0.08 -10.31
N VAL C 63 22.39 0.02 -11.59
CA VAL C 63 22.93 0.91 -12.58
C VAL C 63 21.95 1.86 -13.24
N VAL C 64 22.38 3.11 -13.41
CA VAL C 64 21.61 4.14 -14.11
C VAL C 64 22.15 4.18 -15.56
N TYR C 65 21.33 3.77 -16.51
CA TYR C 65 21.72 3.74 -17.90
C TYR C 65 21.02 4.86 -18.69
N ASN C 66 21.67 5.30 -19.76
CA ASN C 66 20.99 6.28 -20.66
C ASN C 66 20.40 5.45 -21.79
N PRO C 67 19.63 6.06 -22.68
CA PRO C 67 18.99 5.36 -23.78
C PRO C 67 19.89 4.53 -24.64
N SER C 68 21.18 4.86 -24.74
CA SER C 68 22.13 4.12 -25.55
C SER C 68 22.77 2.97 -24.77
N ASN C 69 22.32 2.75 -23.55
CA ASN C 69 22.80 1.70 -22.68
C ASN C 69 24.19 1.94 -22.13
N LYS C 70 24.54 3.23 -22.01
CA LYS C 70 25.81 3.61 -21.42
C LYS C 70 25.53 3.92 -19.94
N PRO C 71 26.29 3.28 -19.06
CA PRO C 71 26.11 3.45 -17.62
C PRO C 71 26.52 4.85 -17.19
N ILE C 72 25.58 5.58 -16.61
CA ILE C 72 25.83 6.95 -16.15
C ILE C 72 26.29 6.92 -14.69
N TRP C 73 25.72 5.99 -13.93
CA TRP C 73 26.04 5.83 -12.52
C TRP C 73 25.84 4.36 -12.13
N ALA C 74 26.58 3.92 -11.13
CA ALA C 74 26.44 2.53 -10.65
C ALA C 74 26.78 2.47 -9.16
N SER C 75 26.13 1.56 -8.45
CA SER C 75 26.38 1.41 -7.02
C SER C 75 27.72 0.69 -6.82
N ASN C 76 28.16 0.01 -7.87
CA ASN C 76 29.43 -0.71 -7.85
C ASN C 76 29.43 -1.78 -6.77
N THR C 77 28.36 -2.58 -6.78
CA THR C 77 28.20 -3.67 -5.84
C THR C 77 28.00 -4.97 -6.62
N GLY C 78 28.54 -4.96 -7.85
CA GLY C 78 28.47 -6.15 -8.71
C GLY C 78 29.15 -7.31 -7.95
N GLY C 79 28.81 -8.52 -8.33
CA GLY C 79 29.39 -9.68 -7.68
C GLY C 79 28.65 -10.97 -8.02
N GLN C 80 28.30 -11.71 -6.97
CA GLN C 80 27.61 -12.97 -7.12
C GLN C 80 26.35 -12.81 -7.97
N ASN C 81 26.24 -13.61 -9.03
CA ASN C 81 25.01 -13.55 -9.85
C ASN C 81 23.92 -14.20 -8.99
N GLY C 82 22.73 -13.61 -8.96
CA GLY C 82 21.66 -14.18 -8.13
C GLY C 82 20.43 -13.29 -8.06
N ASN C 83 19.66 -13.45 -6.99
CA ASN C 83 18.45 -12.68 -6.79
C ASN C 83 18.67 -11.61 -5.73
N TYR C 84 18.45 -10.35 -6.13
CA TYR C 84 18.61 -9.21 -5.24
C TYR C 84 17.35 -8.33 -5.28
N VAL C 85 17.19 -7.53 -4.25
CA VAL C 85 16.10 -6.59 -4.13
C VAL C 85 16.63 -5.22 -3.72
N CYS C 86 16.01 -4.17 -4.24
CA CYS C 86 16.37 -2.81 -3.86
C CYS C 86 15.15 -2.22 -3.13
N ILE C 87 15.33 -1.91 -1.85
CA ILE C 87 14.25 -1.47 -1.02
C ILE C 87 14.33 -0.04 -0.49
N LEU C 88 13.20 0.66 -0.66
CA LEU C 88 13.05 2.00 -0.07
C LEU C 88 12.29 1.70 1.25
N GLN C 89 13.07 1.60 2.32
CA GLN C 89 12.55 1.19 3.61
C GLN C 89 11.72 2.21 4.34
N LYS C 90 11.02 1.74 5.38
CA LYS C 90 10.19 2.60 6.21
C LYS C 90 11.03 3.54 7.06
N ASP C 91 12.32 3.26 7.20
CA ASP C 91 13.22 4.10 7.98
C ASP C 91 13.84 5.19 7.09
N ARG C 92 13.50 5.17 5.81
CA ARG C 92 13.97 6.14 4.85
C ARG C 92 15.31 5.80 4.24
N ASN C 93 15.79 4.58 4.48
CA ASN C 93 17.07 4.15 3.90
C ASN C 93 16.75 3.36 2.63
N VAL C 94 17.57 3.51 1.60
CA VAL C 94 17.40 2.73 0.37
C VAL C 94 18.52 1.68 0.39
N VAL C 95 18.15 0.41 0.53
CA VAL C 95 19.14 -0.64 0.66
C VAL C 95 18.99 -1.77 -0.35
N ILE C 96 20.13 -2.33 -0.75
CA ILE C 96 20.15 -3.49 -1.64
C ILE C 96 20.48 -4.72 -0.79
N TYR C 97 19.67 -5.75 -0.88
CA TYR C 97 19.88 -6.98 -0.13
C TYR C 97 20.00 -8.15 -1.11
N GLY C 98 20.77 -9.16 -0.76
CA GLY C 98 20.93 -10.33 -1.64
C GLY C 98 22.21 -11.08 -1.27
N THR C 99 22.32 -12.32 -1.73
CA THR C 99 21.28 -12.94 -2.54
C THR C 99 20.19 -13.54 -1.66
N ASP C 100 19.33 -14.36 -2.26
CA ASP C 100 18.26 -15.02 -1.50
C ASP C 100 18.86 -16.16 -0.67
N ARG C 101 18.45 -16.27 0.57
CA ARG C 101 18.99 -17.30 1.46
C ARG C 101 18.05 -18.47 1.64
N TRP C 102 16.75 -18.18 1.55
CA TRP C 102 15.71 -19.20 1.73
C TRP C 102 14.45 -18.71 1.04
N ALA C 103 13.52 -19.61 0.77
CA ALA C 103 12.25 -19.25 0.14
C ALA C 103 11.26 -20.37 0.32
N THR C 104 9.99 -20.02 0.51
CA THR C 104 8.94 -21.03 0.67
C THR C 104 8.75 -21.80 -0.64
N GLY C 105 9.14 -21.19 -1.76
CA GLY C 105 9.02 -21.80 -3.07
C GLY C 105 7.55 -21.92 -3.47
N THR C 106 6.78 -20.88 -3.15
CA THR C 106 5.35 -20.87 -3.43
C THR C 106 4.99 -19.87 -4.52
N HIS C 107 5.93 -19.55 -5.39
CA HIS C 107 5.70 -18.60 -6.45
C HIS C 107 4.85 -19.20 -7.57
N THR C 108 4.16 -18.30 -8.29
CA THR C 108 3.28 -18.71 -9.38
C THR C 108 3.55 -17.89 -10.63
N GLY C 109 3.20 -18.42 -11.79
CA GLY C 109 3.43 -17.72 -13.06
C GLY C 109 2.22 -17.74 -13.98
N ASP D 1 -1.56 6.38 4.26
CA ASP D 1 -2.95 6.09 3.79
C ASP D 1 -3.43 7.19 2.87
N ASN D 2 -4.32 6.85 1.94
CA ASN D 2 -4.85 7.81 0.98
C ASN D 2 -6.25 8.29 1.35
N ILE D 3 -6.78 7.85 2.48
CA ILE D 3 -8.11 8.22 2.90
C ILE D 3 -8.15 8.84 4.30
N LEU D 4 -8.90 9.93 4.42
CA LEU D 4 -9.11 10.58 5.71
C LEU D 4 -10.61 10.43 6.02
N TYR D 5 -10.95 9.73 7.08
CA TYR D 5 -12.35 9.48 7.43
C TYR D 5 -12.95 10.58 8.30
N SER D 6 -14.26 10.76 8.19
CA SER D 6 -14.93 11.77 9.03
C SER D 6 -14.70 11.36 10.49
N GLY D 7 -14.35 12.34 11.32
CA GLY D 7 -14.05 12.08 12.72
C GLY D 7 -12.55 11.96 12.94
N GLU D 8 -11.77 12.04 11.86
CA GLU D 8 -10.32 11.94 11.95
C GLU D 8 -9.66 13.29 11.63
N THR D 9 -8.43 13.47 12.11
CA THR D 9 -7.68 14.67 11.84
C THR D 9 -6.23 14.32 11.43
N LEU D 10 -5.62 15.26 10.73
CA LEU D 10 -4.21 15.16 10.36
C LEU D 10 -3.49 16.24 11.21
N SER D 11 -2.60 15.81 12.06
CA SER D 11 -1.84 16.76 12.89
C SER D 11 -0.72 17.33 12.02
N THR D 12 -0.04 18.34 12.51
CA THR D 12 1.04 18.98 11.77
C THR D 12 2.07 17.99 11.26
N GLY D 13 2.40 18.07 9.98
CA GLY D 13 3.39 17.20 9.37
C GLY D 13 2.84 15.86 8.93
N GLU D 14 1.56 15.62 9.21
CA GLU D 14 0.91 14.37 8.81
C GLU D 14 0.32 14.58 7.42
N PHE D 15 0.18 13.49 6.68
CA PHE D 15 -0.28 13.57 5.31
C PHE D 15 -1.04 12.34 4.82
N LEU D 16 -1.62 12.51 3.63
CA LEU D 16 -2.25 11.41 2.92
C LEU D 16 -1.28 11.12 1.75
N ASN D 17 -1.06 9.87 1.41
CA ASN D 17 -0.13 9.59 0.31
C ASN D 17 -0.67 8.55 -0.65
N TYR D 18 -0.22 8.65 -1.89
CA TYR D 18 -0.56 7.74 -2.96
C TYR D 18 0.46 7.86 -4.09
N GLY D 19 1.25 6.81 -4.29
CA GLY D 19 2.28 6.88 -5.33
C GLY D 19 3.22 8.04 -5.00
N SER D 20 3.36 8.98 -5.93
CA SER D 20 4.21 10.14 -5.74
C SER D 20 3.44 11.35 -5.24
N PHE D 21 2.14 11.20 -5.02
CA PHE D 21 1.30 12.28 -4.54
C PHE D 21 1.28 12.35 -3.02
N VAL D 22 1.54 13.53 -2.46
CA VAL D 22 1.55 13.73 -1.02
C VAL D 22 0.68 14.95 -0.67
N PHE D 23 -0.28 14.72 0.20
CA PHE D 23 -1.19 15.80 0.65
C PHE D 23 -0.85 16.04 2.12
N ILE D 24 -0.05 17.07 2.41
CA ILE D 24 0.43 17.26 3.77
C ILE D 24 -0.01 18.53 4.46
N MET D 25 -0.38 18.37 5.74
CA MET D 25 -0.73 19.52 6.58
C MET D 25 0.59 20.02 7.18
N GLN D 26 1.22 20.98 6.51
CA GLN D 26 2.50 21.51 6.91
C GLN D 26 2.52 22.32 8.20
N GLU D 27 3.74 22.48 8.76
CA GLU D 27 3.96 23.21 9.98
C GLU D 27 3.71 24.71 9.84
N ASP D 28 3.88 25.23 8.63
CA ASP D 28 3.64 26.65 8.35
C ASP D 28 2.16 26.93 8.10
N CYS D 29 1.32 25.94 8.30
CA CYS D 29 -0.11 25.99 8.15
C CYS D 29 -0.61 25.96 6.72
N ASN D 30 0.26 25.73 5.75
CA ASN D 30 -0.18 25.62 4.37
C ASN D 30 -0.52 24.15 4.11
N LEU D 31 -1.69 23.92 3.55
CA LEU D 31 -2.12 22.54 3.21
C LEU D 31 -1.81 22.38 1.72
N VAL D 32 -0.77 21.59 1.41
CA VAL D 32 -0.31 21.44 0.04
C VAL D 32 -0.43 20.04 -0.52
N LEU D 33 -0.71 19.96 -1.82
CA LEU D 33 -0.73 18.70 -2.54
C LEU D 33 0.54 18.66 -3.41
N TYR D 34 1.42 17.70 -3.17
CA TYR D 34 2.65 17.62 -3.94
C TYR D 34 2.64 16.43 -4.90
N ASP D 35 3.28 16.64 -6.04
CA ASP D 35 3.49 15.58 -7.04
C ASP D 35 5.04 15.51 -7.10
N VAL D 36 5.59 14.60 -6.31
CA VAL D 36 7.05 14.53 -6.17
C VAL D 36 7.43 15.83 -5.44
N ASP D 37 8.25 16.69 -6.03
CA ASP D 37 8.63 17.93 -5.36
C ASP D 37 7.91 19.14 -5.90
N LYS D 38 6.89 18.94 -6.73
CA LYS D 38 6.17 20.05 -7.31
C LYS D 38 4.85 20.32 -6.60
N PRO D 39 4.67 21.55 -6.16
CA PRO D 39 3.43 21.99 -5.50
C PRO D 39 2.34 22.08 -6.58
N ILE D 40 1.36 21.20 -6.48
CA ILE D 40 0.28 21.15 -7.47
C ILE D 40 -0.92 21.98 -7.03
N TRP D 41 -1.18 22.00 -5.74
CA TRP D 41 -2.31 22.72 -5.17
C TRP D 41 -2.02 23.06 -3.70
N ALA D 42 -2.52 24.19 -3.25
CA ALA D 42 -2.31 24.60 -1.86
C ALA D 42 -3.48 25.44 -1.37
N THR D 43 -3.62 25.55 -0.05
CA THR D 43 -4.69 26.37 0.51
C THR D 43 -4.20 27.83 0.56
N ASN D 44 -2.90 28.01 0.37
CA ASN D 44 -2.27 29.31 0.38
C ASN D 44 -2.44 30.02 1.71
N THR D 45 -2.32 29.25 2.79
CA THR D 45 -2.44 29.75 4.15
C THR D 45 -1.10 29.66 4.88
N GLY D 46 -0.03 29.44 4.10
CA GLY D 46 1.30 29.34 4.66
C GLY D 46 1.69 30.62 5.39
N GLY D 47 2.14 30.49 6.64
CA GLY D 47 2.56 31.62 7.43
C GLY D 47 1.47 32.33 8.19
N LEU D 48 0.20 31.96 8.00
CA LEU D 48 -0.91 32.57 8.69
C LEU D 48 -0.93 32.14 10.16
N SER D 49 -0.30 31.02 10.45
CA SER D 49 -0.20 30.49 11.80
C SER D 49 0.89 29.41 11.81
N ARG D 50 0.96 28.63 12.88
CA ARG D 50 1.93 27.55 12.99
C ARG D 50 1.32 26.31 13.65
N SER D 51 1.77 25.14 13.27
CA SER D 51 1.30 23.90 13.87
C SER D 51 -0.20 23.68 13.77
N CYS D 52 -0.78 23.92 12.59
CA CYS D 52 -2.19 23.71 12.38
C CYS D 52 -2.50 22.20 12.23
N PHE D 53 -3.77 21.88 12.39
CA PHE D 53 -4.23 20.50 12.22
C PHE D 53 -5.42 20.49 11.24
N LEU D 54 -5.52 19.43 10.45
CA LEU D 54 -6.59 19.32 9.46
C LEU D 54 -7.68 18.39 10.01
N SER D 55 -8.93 18.83 9.94
CA SER D 55 -10.03 18.02 10.47
C SER D 55 -11.11 17.73 9.44
N MET D 56 -11.36 16.44 9.19
CA MET D 56 -12.43 16.04 8.28
C MET D 56 -13.67 15.79 9.16
N GLN D 57 -14.57 16.75 9.21
CA GLN D 57 -15.71 16.68 10.11
C GLN D 57 -16.85 15.80 9.68
N THR D 58 -17.71 15.46 10.64
CA THR D 58 -18.89 14.64 10.38
C THR D 58 -20.00 15.39 9.67
N ASP D 59 -19.80 16.64 9.32
CA ASP D 59 -20.78 17.43 8.58
C ASP D 59 -20.35 17.57 7.12
N GLY D 60 -19.21 16.96 6.79
CA GLY D 60 -18.69 17.00 5.44
C GLY D 60 -17.75 18.16 5.18
N ASN D 61 -17.53 19.00 6.18
CA ASN D 61 -16.63 20.14 6.05
C ASN D 61 -15.20 19.75 6.40
N LEU D 62 -14.27 20.15 5.56
CA LEU D 62 -12.84 19.89 5.80
C LEU D 62 -12.23 21.20 6.27
N VAL D 63 -11.83 21.26 7.54
CA VAL D 63 -11.36 22.49 8.14
C VAL D 63 -9.93 22.46 8.65
N VAL D 64 -9.22 23.56 8.43
CA VAL D 64 -7.86 23.74 8.93
C VAL D 64 -7.91 24.66 10.17
N TYR D 65 -7.49 24.13 11.30
CA TYR D 65 -7.52 24.88 12.55
C TYR D 65 -6.12 25.26 13.04
N ASN D 66 -6.02 26.42 13.68
CA ASN D 66 -4.72 26.82 14.24
C ASN D 66 -4.71 26.40 15.70
N PRO D 67 -3.58 26.55 16.39
CA PRO D 67 -3.44 26.19 17.78
C PRO D 67 -4.43 26.85 18.71
N SER D 68 -4.94 28.02 18.36
CA SER D 68 -5.93 28.74 19.15
C SER D 68 -7.33 28.21 18.88
N ASN D 69 -7.45 27.24 17.98
CA ASN D 69 -8.68 26.59 17.62
C ASN D 69 -9.58 27.39 16.71
N LYS D 70 -9.04 28.38 16.01
CA LYS D 70 -9.86 29.15 15.06
C LYS D 70 -9.57 28.62 13.66
N PRO D 71 -10.61 28.49 12.85
CA PRO D 71 -10.48 28.02 11.48
C PRO D 71 -9.75 29.04 10.62
N ILE D 72 -8.81 28.59 9.79
CA ILE D 72 -8.08 29.51 8.92
C ILE D 72 -8.37 29.17 7.45
N TRP D 73 -9.00 28.01 7.23
CA TRP D 73 -9.38 27.55 5.91
C TRP D 73 -10.40 26.42 6.05
N ALA D 74 -11.37 26.38 5.14
CA ALA D 74 -12.38 25.32 5.15
C ALA D 74 -12.89 25.10 3.73
N SER D 75 -13.27 23.87 3.42
CA SER D 75 -13.81 23.58 2.08
C SER D 75 -15.21 24.20 1.96
N ASN D 76 -15.83 24.45 3.10
CA ASN D 76 -17.15 25.05 3.16
C ASN D 76 -18.20 24.15 2.53
N THR D 77 -18.12 22.86 2.86
CA THR D 77 -19.04 21.86 2.35
C THR D 77 -19.81 21.23 3.50
N GLY D 78 -19.90 21.99 4.60
CA GLY D 78 -20.64 21.52 5.78
C GLY D 78 -22.10 21.33 5.38
N GLY D 79 -22.72 20.27 5.89
CA GLY D 79 -24.11 19.99 5.57
C GLY D 79 -24.65 18.86 6.46
N GLN D 80 -25.30 17.90 5.81
CA GLN D 80 -25.87 16.77 6.51
C GLN D 80 -24.85 16.06 7.38
N ASN D 81 -25.24 15.76 8.60
CA ASN D 81 -24.35 15.02 9.51
C ASN D 81 -24.34 13.57 9.03
N GLY D 82 -23.18 12.91 9.06
CA GLY D 82 -23.11 11.52 8.61
C GLY D 82 -21.68 11.08 8.41
N ASN D 83 -21.49 10.05 7.59
CA ASN D 83 -20.15 9.54 7.32
C ASN D 83 -19.64 10.05 5.99
N TYR D 84 -18.42 10.58 5.99
CA TYR D 84 -17.79 11.14 4.79
C TYR D 84 -16.35 10.65 4.70
N VAL D 85 -15.74 10.81 3.53
CA VAL D 85 -14.36 10.44 3.32
C VAL D 85 -13.65 11.48 2.45
N CYS D 86 -12.40 11.73 2.75
CA CYS D 86 -11.57 12.62 1.94
C CYS D 86 -10.47 11.71 1.35
N ILE D 87 -10.45 11.58 0.04
CA ILE D 87 -9.55 10.67 -0.62
C ILE D 87 -8.53 11.31 -1.54
N LEU D 88 -7.27 10.88 -1.39
CA LEU D 88 -6.22 11.30 -2.34
C LEU D 88 -6.22 10.16 -3.39
N GLN D 89 -6.91 10.41 -4.49
CA GLN D 89 -7.12 9.43 -5.53
C GLN D 89 -5.93 9.17 -6.41
N LYS D 90 -6.00 8.05 -7.13
CA LYS D 90 -4.94 7.64 -8.04
C LYS D 90 -4.83 8.57 -9.25
N ASP D 91 -5.88 9.32 -9.56
CA ASP D 91 -5.86 10.26 -10.67
C ASP D 91 -5.32 11.62 -10.24
N ARG D 92 -4.86 11.74 -9.01
CA ARG D 92 -4.28 12.91 -8.44
C ARG D 92 -5.26 13.93 -7.92
N ASN D 93 -6.54 13.63 -7.96
CA ASN D 93 -7.57 14.52 -7.47
C ASN D 93 -7.88 14.22 -5.99
N VAL D 94 -8.07 15.26 -5.21
CA VAL D 94 -8.42 15.08 -3.79
C VAL D 94 -9.93 15.39 -3.70
N VAL D 95 -10.75 14.38 -3.43
CA VAL D 95 -12.19 14.55 -3.41
C VAL D 95 -12.82 14.15 -2.08
N ILE D 96 -13.90 14.84 -1.73
CA ILE D 96 -14.67 14.51 -0.54
C ILE D 96 -15.97 13.82 -1.01
N TYR D 97 -16.24 12.64 -0.48
CA TYR D 97 -17.43 11.88 -0.84
C TYR D 97 -18.29 11.64 0.41
N GLY D 98 -19.60 11.55 0.20
CA GLY D 98 -20.51 11.30 1.31
C GLY D 98 -21.92 11.76 0.96
N THR D 99 -22.90 11.32 1.75
CA THR D 99 -22.61 10.42 2.88
C THR D 99 -22.57 8.98 2.39
N ASP D 100 -22.51 8.05 3.34
CA ASP D 100 -22.50 6.62 3.01
C ASP D 100 -23.87 6.21 2.48
N ARG D 101 -23.90 5.46 1.40
CA ARG D 101 -25.17 5.04 0.80
C ARG D 101 -25.49 3.58 1.08
N TRP D 102 -24.48 2.77 1.33
CA TRP D 102 -24.67 1.34 1.58
C TRP D 102 -23.42 0.78 2.24
N ALA D 103 -23.57 -0.32 2.95
CA ALA D 103 -22.43 -0.94 3.64
C ALA D 103 -22.75 -2.40 3.96
N THR D 104 -21.71 -3.22 4.07
CA THR D 104 -21.88 -4.63 4.42
C THR D 104 -22.20 -4.75 5.90
N GLY D 105 -21.71 -3.81 6.69
CA GLY D 105 -21.93 -3.79 8.12
C GLY D 105 -21.04 -4.84 8.81
N THR D 106 -19.83 -5.01 8.26
CA THR D 106 -18.89 -5.98 8.78
C THR D 106 -17.73 -5.33 9.52
N HIS D 107 -17.95 -4.13 10.04
CA HIS D 107 -16.94 -3.37 10.72
C HIS D 107 -16.57 -3.93 12.09
N THR D 108 -15.32 -3.70 12.46
CA THR D 108 -14.76 -4.08 13.74
C THR D 108 -13.90 -2.91 14.26
N GLY D 109 -12.89 -3.20 15.07
CA GLY D 109 -12.03 -2.16 15.59
C GLY D 109 -10.62 -2.68 15.92
#